data_2AXY
#
_entry.id   2AXY
#
_cell.length_a   66.603
_cell.length_b   115.176
_cell.length_c   45.525
_cell.angle_alpha   90.00
_cell.angle_beta   90.00
_cell.angle_gamma   90.00
#
_symmetry.space_group_name_H-M   'P 21 21 2'
#
loop_
_entity.id
_entity.type
_entity.pdbx_description
1 polymer 'C-rich strand of human telomeric dna'
2 polymer 'Poly(rC)-binding protein 2'
3 water water
#
loop_
_entity_poly.entity_id
_entity_poly.type
_entity_poly.pdbx_seq_one_letter_code
_entity_poly.pdbx_strand_id
1 'polydeoxyribonucleotide' (DA)(DA)(DC)(DC)(DC)(DT)(DA) E,F,G,H
2 'polypeptide(L)'
;KNVTLTIRLL(MSE)HGKEVGSIIGKKGESVKK(MSE)REESGARINISEGNCPERIITLAGPTNAIFKAFA(MSE)IID
KLEED
;
A,B,C,D
#
# COMPACT_ATOMS: atom_id res chain seq x y z
N LYS E 1 -3.11 10.55 11.60
CA LYS E 1 -3.43 9.18 11.10
C LYS E 1 -2.30 8.58 10.26
N ASN E 2 -2.39 7.28 10.02
CA ASN E 2 -1.48 6.60 9.09
C ASN E 2 -2.26 5.70 8.13
N VAL E 3 -3.23 6.28 7.43
CA VAL E 3 -4.04 5.49 6.49
C VAL E 3 -3.33 5.37 5.15
N THR E 4 -3.51 4.24 4.47
CA THR E 4 -3.09 4.13 3.07
C THR E 4 -3.80 5.24 2.21
N LEU E 5 -3.11 5.68 1.17
CA LEU E 5 -3.60 6.72 0.29
C LEU E 5 -3.55 6.28 -1.15
N THR E 6 -4.31 6.98 -1.99
CA THR E 6 -4.23 6.82 -3.42
C THR E 6 -4.04 8.24 -4.01
N ILE E 7 -2.93 8.45 -4.71
CA ILE E 7 -2.53 9.74 -5.25
C ILE E 7 -2.47 9.57 -6.77
N ARG E 8 -3.06 10.54 -7.48
CA ARG E 8 -3.08 10.45 -8.93
C ARG E 8 -2.38 11.66 -9.52
N LEU E 9 -1.54 11.43 -10.52
CA LEU E 9 -0.78 12.50 -11.14
C LEU E 9 -1.23 12.56 -12.61
N LEU E 10 -1.39 13.76 -13.14
CA LEU E 10 -1.68 13.95 -14.54
C LEU E 10 -0.36 14.33 -15.22
N HIS E 12 2.27 14.52 -18.89
CA HIS E 12 2.41 14.53 -20.35
C HIS E 12 3.04 13.22 -20.85
N GLY E 13 2.68 12.79 -22.06
CA GLY E 13 3.22 11.55 -22.65
C GLY E 13 4.74 11.41 -22.65
N LYS E 14 5.45 12.47 -23.07
CA LYS E 14 6.93 12.50 -23.04
C LYS E 14 7.51 12.15 -21.66
N GLU E 15 6.95 12.78 -20.63
CA GLU E 15 7.35 12.52 -19.24
C GLU E 15 7.09 11.07 -18.88
N VAL E 16 5.96 10.53 -19.34
CA VAL E 16 5.63 9.14 -19.00
C VAL E 16 6.63 8.17 -19.65
N GLY E 17 6.98 8.43 -20.90
CA GLY E 17 8.04 7.66 -21.57
C GLY E 17 9.32 7.55 -20.73
N SER E 18 9.72 8.67 -20.11
CA SER E 18 10.89 8.71 -19.25
C SER E 18 10.69 7.90 -17.96
N ILE E 19 9.52 8.04 -17.37
CA ILE E 19 9.23 7.31 -16.13
C ILE E 19 9.23 5.80 -16.35
N ILE E 20 8.64 5.35 -17.47
CA ILE E 20 8.59 3.92 -17.75
C ILE E 20 10.03 3.42 -18.07
N GLY E 21 10.70 4.08 -19.02
CA GLY E 21 12.06 3.73 -19.43
C GLY E 21 11.99 2.63 -20.47
N LYS E 22 13.09 2.44 -21.20
CA LYS E 22 13.20 1.32 -22.15
C LYS E 22 12.88 0.01 -21.44
N LYS E 23 12.06 -0.80 -22.10
CA LYS E 23 11.60 -2.09 -21.57
C LYS E 23 10.93 -1.98 -20.16
N GLY E 24 10.49 -0.78 -19.78
CA GLY E 24 9.95 -0.54 -18.44
C GLY E 24 10.98 -0.65 -17.33
N GLU E 25 12.27 -0.55 -17.64
CA GLU E 25 13.29 -0.70 -16.58
C GLU E 25 13.25 0.40 -15.48
N SER E 26 12.81 1.61 -15.83
CA SER E 26 12.72 2.66 -14.82
C SER E 26 11.57 2.45 -13.84
N VAL E 27 10.37 2.18 -14.36
CA VAL E 27 9.22 2.01 -13.47
C VAL E 27 9.35 0.71 -12.67
N LYS E 28 10.03 -0.28 -13.24
CA LYS E 28 10.35 -1.51 -12.50
C LYS E 28 11.15 -1.18 -11.23
N LYS E 29 12.15 -0.30 -11.37
CA LYS E 29 12.96 0.16 -10.23
C LYS E 29 12.04 0.84 -9.21
N ARG E 31 8.78 0.49 -8.73
CA ARG E 31 7.92 -0.49 -8.08
C ARG E 31 8.73 -1.31 -7.06
N GLU E 32 9.91 -1.77 -7.46
CA GLU E 32 10.73 -2.62 -6.55
C GLU E 32 11.31 -1.89 -5.33
N GLU E 33 11.51 -0.57 -5.45
CA GLU E 33 12.13 0.19 -4.37
C GLU E 33 11.15 0.94 -3.48
N SER E 34 10.08 1.47 -4.07
CA SER E 34 9.14 2.32 -3.33
C SER E 34 8.15 1.58 -2.41
N GLY E 35 7.81 0.35 -2.75
CA GLY E 35 6.64 -0.32 -2.09
C GLY E 35 5.26 0.23 -2.42
N ALA E 36 5.16 1.16 -3.39
CA ALA E 36 3.87 1.68 -3.81
C ALA E 36 3.31 0.79 -4.91
N ARG E 37 2.00 0.66 -4.94
CA ARG E 37 1.35 0.15 -6.15
C ARG E 37 1.36 1.29 -7.16
N ILE E 38 1.90 1.04 -8.36
CA ILE E 38 2.02 2.12 -9.35
C ILE E 38 1.28 1.66 -10.62
N ASN E 39 0.34 2.47 -11.08
CA ASN E 39 -0.35 2.20 -12.34
C ASN E 39 -0.22 3.37 -13.28
N ILE E 40 0.12 3.09 -14.53
CA ILE E 40 0.23 4.12 -15.55
C ILE E 40 -0.87 3.85 -16.60
N SER E 41 -1.72 4.84 -16.86
CA SER E 41 -2.88 4.65 -17.78
C SER E 41 -2.42 4.14 -19.14
N GLU E 42 -3.29 3.38 -19.81
CA GLU E 42 -2.89 2.69 -21.05
C GLU E 42 -2.85 3.65 -22.22
N GLY E 43 -1.83 3.46 -23.06
CA GLY E 43 -1.73 4.13 -24.36
C GLY E 43 -0.80 5.32 -24.35
N ASN E 44 -0.05 5.50 -25.43
CA ASN E 44 0.85 6.65 -25.60
C ASN E 44 0.01 7.88 -26.01
N CYS E 45 -0.77 8.38 -25.05
CA CYS E 45 -1.68 9.52 -25.23
C CYS E 45 -0.96 10.80 -24.81
N PRO E 46 -1.39 11.96 -25.34
CA PRO E 46 -0.73 13.21 -24.98
C PRO E 46 -0.72 13.45 -23.48
N GLU E 47 -1.80 13.03 -22.81
CA GLU E 47 -1.90 13.11 -21.33
C GLU E 47 -2.25 11.76 -20.73
N ARG E 48 -1.55 11.40 -19.67
CA ARG E 48 -1.65 10.08 -19.03
C ARG E 48 -1.89 10.29 -17.53
N ILE E 49 -2.36 9.24 -16.86
CA ILE E 49 -2.62 9.33 -15.41
C ILE E 49 -1.77 8.29 -14.71
N ILE E 50 -0.94 8.73 -13.76
CA ILE E 50 -0.16 7.84 -12.91
C ILE E 50 -0.83 7.75 -11.54
N THR E 51 -1.13 6.54 -11.10
CA THR E 51 -1.74 6.29 -9.77
C THR E 51 -0.70 5.67 -8.83
N LEU E 52 -0.59 6.24 -7.63
CA LEU E 52 0.34 5.74 -6.62
C LEU E 52 -0.48 5.36 -5.41
N ALA E 53 -0.32 4.14 -4.89
CA ALA E 53 -1.17 3.76 -3.77
C ALA E 53 -0.35 3.05 -2.72
N GLY E 54 -0.57 3.42 -1.46
CA GLY E 54 0.16 2.80 -0.37
C GLY E 54 0.23 3.75 0.80
N PRO E 55 0.97 3.36 1.85
CA PRO E 55 1.14 4.21 3.01
C PRO E 55 2.06 5.36 2.63
N THR E 56 2.10 6.39 3.47
CA THR E 56 2.83 7.60 3.14
C THR E 56 4.30 7.36 2.78
N ASN E 57 4.99 6.48 3.50
CA ASN E 57 6.41 6.22 3.15
C ASN E 57 6.60 5.73 1.72
N ALA E 58 5.65 4.92 1.23
CA ALA E 58 5.68 4.39 -0.12
C ALA E 58 5.34 5.48 -1.16
N ILE E 59 4.33 6.29 -0.86
CA ILE E 59 3.92 7.41 -1.74
C ILE E 59 5.08 8.40 -1.86
N PHE E 60 5.70 8.75 -0.73
CA PHE E 60 6.81 9.70 -0.74
C PHE E 60 7.98 9.18 -1.58
N LYS E 61 8.29 7.89 -1.43
CA LYS E 61 9.41 7.29 -2.20
C LYS E 61 9.13 7.32 -3.71
N ALA E 62 7.93 6.91 -4.10
CA ALA E 62 7.57 6.86 -5.52
C ALA E 62 7.56 8.28 -6.09
N PHE E 63 6.94 9.22 -5.36
CA PHE E 63 6.85 10.58 -5.85
C PHE E 63 8.25 11.17 -6.00
N ALA E 64 9.11 10.98 -4.99
CA ALA E 64 10.51 11.40 -5.08
C ALA E 64 11.23 10.85 -6.33
N ILE E 66 9.88 9.78 -9.11
CA ILE E 66 9.29 10.38 -10.30
C ILE E 66 9.88 11.77 -10.55
N ILE E 67 9.90 12.62 -9.51
CA ILE E 67 10.38 13.97 -9.74
C ILE E 67 11.88 13.97 -10.05
N ASP E 68 12.64 13.04 -9.45
CA ASP E 68 14.06 12.88 -9.76
C ASP E 68 14.29 12.45 -11.22
N LYS E 69 13.49 11.50 -11.68
CA LYS E 69 13.54 11.12 -13.10
C LYS E 69 13.27 12.31 -14.03
N LEU E 70 12.26 13.11 -13.69
CA LEU E 70 11.85 14.22 -14.54
C LEU E 70 12.90 15.32 -14.59
N GLU E 71 13.66 15.44 -13.49
CA GLU E 71 14.74 16.41 -13.34
C GLU E 71 15.94 16.01 -14.22
N GLU E 72 16.04 14.73 -14.58
CA GLU E 72 17.07 14.25 -15.50
C GLU E 72 16.94 14.84 -16.92
N VAL F 3 16.75 23.18 -11.79
CA VAL F 3 15.71 23.20 -12.87
C VAL F 3 14.29 23.15 -12.28
N THR F 4 13.36 23.77 -13.01
CA THR F 4 11.99 23.93 -12.54
C THR F 4 11.04 22.97 -13.24
N LEU F 5 10.17 22.35 -12.44
CA LEU F 5 9.19 21.41 -12.92
C LEU F 5 7.79 21.93 -12.62
N THR F 6 6.82 21.33 -13.30
CA THR F 6 5.41 21.54 -13.04
C THR F 6 4.80 20.16 -12.86
N ILE F 7 4.16 19.92 -11.71
CA ILE F 7 3.51 18.64 -11.44
C ILE F 7 2.00 18.89 -11.23
N ARG F 8 1.16 18.02 -11.77
CA ARG F 8 -0.29 18.18 -11.62
C ARG F 8 -0.85 16.96 -10.89
N LEU F 9 -1.52 17.21 -9.77
CA LEU F 9 -2.21 16.17 -9.00
C LEU F 9 -3.67 16.25 -9.34
N LEU F 10 -4.29 15.09 -9.48
CA LEU F 10 -5.72 14.96 -9.67
C LEU F 10 -6.35 14.61 -8.35
N HIS F 12 -9.93 14.57 -5.72
CA HIS F 12 -11.38 14.68 -5.53
C HIS F 12 -11.78 15.96 -4.79
N GLY F 13 -12.98 16.47 -5.08
CA GLY F 13 -13.44 17.73 -4.47
C GLY F 13 -13.38 17.76 -2.95
N LYS F 14 -13.76 16.66 -2.32
CA LYS F 14 -13.73 16.56 -0.87
C LYS F 14 -12.34 16.89 -0.32
N GLU F 15 -11.32 16.24 -0.90
CA GLU F 15 -9.95 16.48 -0.51
C GLU F 15 -9.48 17.89 -0.81
N VAL F 16 -9.90 18.45 -1.94
CA VAL F 16 -9.54 19.84 -2.25
C VAL F 16 -10.04 20.80 -1.19
N GLY F 17 -11.26 20.59 -0.71
CA GLY F 17 -11.82 21.42 0.35
C GLY F 17 -10.90 21.46 1.54
N SER F 18 -10.33 20.29 1.89
CA SER F 18 -9.43 20.19 3.02
C SER F 18 -8.08 20.91 2.77
N ILE F 19 -7.59 20.78 1.54
CA ILE F 19 -6.33 21.40 1.14
C ILE F 19 -6.45 22.93 1.10
N ILE F 20 -7.56 23.44 0.55
CA ILE F 20 -7.84 24.88 0.61
C ILE F 20 -8.06 25.35 2.05
N GLY F 21 -9.01 24.72 2.75
CA GLY F 21 -9.32 25.05 4.14
C GLY F 21 -10.27 26.23 4.20
N LYS F 22 -10.85 26.47 5.37
CA LYS F 22 -11.77 27.59 5.55
C LYS F 22 -11.06 28.88 5.20
N LYS F 23 -11.70 29.68 4.34
CA LYS F 23 -11.14 30.93 3.82
C LYS F 23 -9.78 30.83 3.10
N GLY F 24 -9.43 29.64 2.60
CA GLY F 24 -8.11 29.43 1.99
C GLY F 24 -6.94 29.44 2.97
N GLU F 25 -7.22 29.35 4.27
CA GLU F 25 -6.16 29.40 5.29
C GLU F 25 -5.09 28.33 5.09
N SER F 26 -5.51 27.12 4.71
CA SER F 26 -4.56 26.01 4.56
C SER F 26 -3.64 26.18 3.35
N VAL F 27 -4.21 26.44 2.17
CA VAL F 27 -3.40 26.60 0.96
C VAL F 27 -2.49 27.87 1.10
N LYS F 28 -3.00 28.89 1.79
CA LYS F 28 -2.20 30.09 2.09
C LYS F 28 -0.91 29.72 2.79
N LYS F 29 -1.04 28.90 3.83
CA LYS F 29 0.09 28.41 4.60
C LYS F 29 1.03 27.60 3.70
N ARG F 31 1.43 27.86 0.40
CA ARG F 31 2.11 28.77 -0.54
C ARG F 31 3.24 29.53 0.15
N GLU F 32 3.00 29.95 1.38
CA GLU F 32 4.00 30.71 2.15
C GLU F 32 5.24 29.94 2.55
N GLU F 33 5.09 28.70 3.02
CA GLU F 33 6.27 27.96 3.50
C GLU F 33 6.90 26.93 2.58
N SER F 34 6.15 26.47 1.58
CA SER F 34 6.65 25.46 0.65
C SER F 34 7.66 26.06 -0.32
N GLY F 35 7.47 27.34 -0.66
CA GLY F 35 8.21 27.96 -1.74
C GLY F 35 7.77 27.59 -3.16
N ALA F 36 6.73 26.77 -3.29
CA ALA F 36 6.20 26.38 -4.60
C ALA F 36 5.03 27.26 -5.00
N ARG F 37 4.85 27.46 -6.31
CA ARG F 37 3.59 28.01 -6.82
C ARG F 37 2.52 26.92 -6.81
N ILE F 38 1.39 27.19 -6.16
CA ILE F 38 0.32 26.20 -6.04
C ILE F 38 -0.95 26.77 -6.68
N ASN F 39 -1.50 26.08 -7.67
CA ASN F 39 -2.77 26.48 -8.26
C ASN F 39 -3.76 25.33 -8.15
N ILE F 40 -4.99 25.66 -7.75
CA ILE F 40 -6.07 24.69 -7.70
C ILE F 40 -7.12 25.08 -8.73
N SER F 41 -7.48 24.12 -9.59
CA SER F 41 -8.41 24.37 -10.72
C SER F 41 -9.76 24.89 -10.26
N GLU F 42 -10.38 25.71 -11.12
CA GLU F 42 -11.64 26.36 -10.78
C GLU F 42 -12.78 25.39 -11.01
N GLY F 43 -13.91 25.70 -10.39
CA GLY F 43 -15.16 25.02 -10.72
C GLY F 43 -15.33 23.80 -9.86
N ASN F 44 -16.28 22.94 -10.25
CA ASN F 44 -16.67 21.83 -9.40
C ASN F 44 -16.59 20.45 -10.03
N CYS F 45 -15.63 20.26 -10.93
CA CYS F 45 -15.39 18.93 -11.48
C CYS F 45 -15.16 17.93 -10.36
N PRO F 46 -15.67 16.71 -10.54
CA PRO F 46 -15.47 15.61 -9.60
C PRO F 46 -13.98 15.44 -9.27
N GLU F 47 -13.13 15.63 -10.28
CA GLU F 47 -11.71 15.71 -10.05
C GLU F 47 -11.13 17.05 -10.45
N ARG F 48 -10.43 17.63 -9.49
CA ARG F 48 -9.80 18.93 -9.61
C ARG F 48 -8.31 18.72 -9.86
N ILE F 49 -7.65 19.75 -10.38
CA ILE F 49 -6.22 19.66 -10.64
C ILE F 49 -5.48 20.64 -9.72
N ILE F 50 -4.51 20.13 -8.98
CA ILE F 50 -3.65 20.96 -8.15
C ILE F 50 -2.29 20.99 -8.84
N THR F 51 -1.89 22.17 -9.29
CA THR F 51 -0.63 22.29 -10.01
C THR F 51 0.44 22.79 -9.03
N LEU F 52 1.58 22.12 -9.01
CA LEU F 52 2.70 22.50 -8.14
C LEU F 52 3.84 22.90 -9.05
N ALA F 53 4.39 24.11 -8.88
CA ALA F 53 5.47 24.57 -9.79
C ALA F 53 6.64 25.19 -9.05
N GLY F 54 7.86 24.89 -9.51
CA GLY F 54 9.09 25.43 -8.91
C GLY F 54 10.23 24.42 -8.84
N PRO F 55 11.23 24.69 -7.99
CA PRO F 55 12.36 23.78 -7.89
C PRO F 55 11.85 22.49 -7.26
N THR F 56 12.49 21.35 -7.57
CA THR F 56 11.99 20.06 -7.10
C THR F 56 11.83 20.02 -5.57
N ASN F 57 12.72 20.70 -4.86
CA ASN F 57 12.63 20.77 -3.38
C ASN F 57 11.36 21.46 -2.85
N ALA F 58 10.95 22.53 -3.52
CA ALA F 58 9.73 23.24 -3.19
C ALA F 58 8.49 22.41 -3.55
N ILE F 59 8.52 21.77 -4.71
CA ILE F 59 7.41 20.88 -5.14
C ILE F 59 7.27 19.76 -4.13
N PHE F 60 8.40 19.15 -3.72
CA PHE F 60 8.35 18.08 -2.71
C PHE F 60 7.77 18.57 -1.37
N LYS F 61 8.17 19.77 -0.93
CA LYS F 61 7.69 20.32 0.34
C LYS F 61 6.17 20.54 0.30
N ALA F 62 5.69 21.11 -0.80
CA ALA F 62 4.25 21.33 -1.01
C ALA F 62 3.51 20.00 -1.00
N PHE F 63 4.07 19.02 -1.73
CA PHE F 63 3.47 17.68 -1.78
C PHE F 63 3.41 17.08 -0.38
N ALA F 64 4.49 17.22 0.40
CA ALA F 64 4.51 16.74 1.79
C ALA F 64 3.42 17.41 2.65
N ILE F 66 0.57 18.56 1.58
CA ILE F 66 -0.67 18.01 1.07
C ILE F 66 -0.94 16.64 1.69
N ILE F 67 0.06 15.77 1.66
CA ILE F 67 -0.03 14.42 2.28
C ILE F 67 -0.37 14.52 3.76
N ASP F 68 0.32 15.44 4.45
CA ASP F 68 0.09 15.71 5.88
C ASP F 68 -1.37 16.09 6.12
N LYS F 69 -1.91 16.93 5.23
CA LYS F 69 -3.30 17.36 5.36
C LYS F 69 -4.28 16.19 5.18
N LEU F 70 -4.00 15.35 4.19
CA LEU F 70 -4.82 14.15 3.94
C LEU F 70 -4.80 13.15 5.13
N GLU F 71 -3.71 13.20 5.90
CA GLU F 71 -3.52 12.30 7.05
C GLU F 71 -3.93 12.92 8.38
N GLU F 72 -4.53 14.11 8.33
CA GLU F 72 -4.91 14.81 9.58
C GLU F 72 -5.95 14.07 10.40
N ASP F 73 -5.80 14.19 11.74
CA ASP F 73 -6.56 13.53 12.83
C ASP F 73 -6.57 11.98 12.85
N LYS G 1 13.72 -7.42 -2.59
CA LYS G 1 13.08 -6.13 -3.03
C LYS G 1 12.07 -5.59 -2.03
N ASN G 2 11.36 -4.53 -2.42
CA ASN G 2 10.39 -3.89 -1.55
C ASN G 2 9.14 -3.61 -2.35
N VAL G 3 8.55 -4.65 -2.95
CA VAL G 3 7.33 -4.45 -3.74
C VAL G 3 6.12 -4.51 -2.83
N THR G 4 5.06 -3.81 -3.24
CA THR G 4 3.76 -3.95 -2.56
C THR G 4 3.24 -5.42 -2.71
N LEU G 5 2.53 -5.87 -1.70
CA LEU G 5 1.97 -7.22 -1.68
C LEU G 5 0.48 -7.20 -1.33
N THR G 6 -0.17 -8.32 -1.64
CA THR G 6 -1.54 -8.54 -1.24
C THR G 6 -1.61 -9.92 -0.59
N ILE G 7 -1.96 -9.92 0.69
CA ILE G 7 -2.00 -11.12 1.52
C ILE G 7 -3.44 -11.37 1.90
N ARG G 8 -3.89 -12.62 1.73
CA ARG G 8 -5.27 -12.96 2.02
C ARG G 8 -5.31 -13.99 3.15
N LEU G 9 -6.18 -13.76 4.15
CA LEU G 9 -6.25 -14.63 5.33
C LEU G 9 -7.65 -15.21 5.33
N LEU G 10 -7.76 -16.51 5.59
CA LEU G 10 -9.06 -17.16 5.81
C LEU G 10 -9.35 -17.20 7.30
N HIS G 12 -12.35 -17.36 10.67
CA HIS G 12 -13.63 -17.79 11.17
C HIS G 12 -14.47 -16.56 11.48
N GLY G 13 -15.79 -16.67 11.33
CA GLY G 13 -16.69 -15.56 11.57
C GLY G 13 -16.55 -14.90 12.93
N LYS G 14 -16.38 -15.71 13.98
CA LYS G 14 -16.27 -15.16 15.35
C LYS G 14 -14.99 -14.32 15.54
N GLU G 15 -13.90 -14.77 14.90
CA GLU G 15 -12.63 -14.03 14.90
C GLU G 15 -12.83 -12.70 14.19
N VAL G 16 -13.54 -12.73 13.06
CA VAL G 16 -13.72 -11.50 12.30
C VAL G 16 -14.54 -10.49 13.12
N GLY G 17 -15.55 -10.98 13.83
CA GLY G 17 -16.35 -10.12 14.71
C GLY G 17 -15.45 -9.34 15.64
N SER G 18 -14.47 -10.05 16.22
CA SER G 18 -13.52 -9.42 17.13
C SER G 18 -12.59 -8.41 16.43
N ILE G 19 -12.13 -8.77 15.24
CA ILE G 19 -11.27 -7.88 14.43
C ILE G 19 -11.98 -6.55 14.04
N ILE G 20 -13.23 -6.67 13.62
CA ILE G 20 -14.03 -5.50 13.27
C ILE G 20 -14.35 -4.67 14.53
N GLY G 21 -14.87 -5.34 15.57
CA GLY G 21 -15.22 -4.68 16.83
C GLY G 21 -16.56 -3.96 16.74
N LYS G 22 -17.07 -3.54 17.89
CA LYS G 22 -18.32 -2.78 17.94
C LYS G 22 -18.20 -1.52 17.09
N LYS G 23 -19.18 -1.31 16.23
CA LYS G 23 -19.21 -0.18 15.31
C LYS G 23 -17.97 -0.07 14.40
N GLY G 24 -17.25 -1.18 14.23
CA GLY G 24 -16.02 -1.19 13.44
C GLY G 24 -14.87 -0.44 14.08
N GLU G 25 -14.92 -0.24 15.40
CA GLU G 25 -13.88 0.56 16.06
C GLU G 25 -12.51 -0.10 16.05
N SER G 26 -12.48 -1.43 16.08
CA SER G 26 -11.19 -2.12 16.07
C SER G 26 -10.48 -2.08 14.72
N VAL G 27 -11.21 -2.40 13.64
CA VAL G 27 -10.62 -2.36 12.30
C VAL G 27 -10.29 -0.91 11.88
N LYS G 28 -11.11 0.04 12.32
CA LYS G 28 -10.79 1.45 12.09
C LYS G 28 -9.40 1.75 12.67
N LYS G 29 -9.12 1.30 13.90
CA LYS G 29 -7.80 1.48 14.48
C LYS G 29 -6.71 0.82 13.64
N ARG G 31 -6.79 0.16 10.39
CA ARG G 31 -6.61 0.91 9.14
C ARG G 31 -5.82 2.21 9.41
N GLU G 32 -6.11 2.87 10.52
CA GLU G 32 -5.52 4.18 10.77
C GLU G 32 -4.08 4.11 11.29
N GLU G 33 -3.69 2.95 11.84
CA GLU G 33 -2.32 2.82 12.39
C GLU G 33 -1.36 2.06 11.47
N SER G 34 -1.89 1.12 10.69
CA SER G 34 -1.02 0.21 9.94
C SER G 34 -0.57 0.71 8.58
N GLY G 35 -1.37 1.57 7.97
CA GLY G 35 -1.09 2.04 6.59
C GLY G 35 -1.42 1.00 5.54
N ALA G 36 -2.05 -0.11 5.93
CA ALA G 36 -2.40 -1.17 4.98
C ALA G 36 -3.82 -0.91 4.49
N ARG G 37 -4.10 -1.30 3.26
CA ARG G 37 -5.46 -1.36 2.78
C ARG G 37 -6.03 -2.68 3.35
N ILE G 38 -7.15 -2.60 4.07
CA ILE G 38 -7.71 -3.81 4.69
C ILE G 38 -9.15 -3.97 4.21
N ASN G 39 -9.43 -5.12 3.59
CA ASN G 39 -10.80 -5.47 3.17
C ASN G 39 -11.21 -6.72 3.90
N ILE G 40 -12.46 -6.74 4.38
CA ILE G 40 -13.01 -7.91 5.00
C ILE G 40 -14.22 -8.29 4.15
N SER G 41 -14.28 -9.55 3.73
CA SER G 41 -15.32 -10.02 2.81
C SER G 41 -16.71 -9.78 3.39
N GLU G 42 -17.66 -9.53 2.49
CA GLU G 42 -19.03 -9.13 2.90
C GLU G 42 -19.85 -10.26 3.53
N GLY G 43 -20.60 -9.91 4.58
CA GLY G 43 -21.57 -10.81 5.21
C GLY G 43 -21.04 -11.49 6.47
N ASN G 44 -21.89 -11.60 7.48
CA ASN G 44 -21.53 -12.29 8.73
C ASN G 44 -21.65 -13.80 8.48
N CYS G 45 -20.65 -14.35 7.81
CA CYS G 45 -20.61 -15.77 7.42
C CYS G 45 -19.65 -16.55 8.31
N PRO G 46 -19.81 -17.90 8.34
CA PRO G 46 -18.92 -18.78 9.11
C PRO G 46 -17.44 -18.64 8.77
N GLU G 47 -17.13 -18.40 7.50
CA GLU G 47 -15.76 -18.18 7.04
C GLU G 47 -15.70 -16.91 6.21
N ARG G 48 -14.63 -16.13 6.43
CA ARG G 48 -14.45 -14.82 5.82
C ARG G 48 -13.04 -14.72 5.28
N ILE G 49 -12.86 -13.82 4.34
CA ILE G 49 -11.51 -13.51 3.83
C ILE G 49 -11.13 -12.08 4.18
N ILE G 50 -9.95 -11.92 4.79
CA ILE G 50 -9.40 -10.59 5.09
C ILE G 50 -8.23 -10.38 4.15
N THR G 51 -8.26 -9.29 3.41
CA THR G 51 -7.17 -8.96 2.49
C THR G 51 -6.35 -7.79 3.08
N LEU G 52 -5.04 -7.94 3.10
CA LEU G 52 -4.11 -6.89 3.55
C LEU G 52 -3.29 -6.52 2.32
N ALA G 53 -3.17 -5.24 2.03
CA ALA G 53 -2.39 -4.83 0.85
C ALA G 53 -1.52 -3.63 1.20
N GLY G 54 -0.26 -3.73 0.80
CA GLY G 54 0.68 -2.66 0.98
C GLY G 54 2.09 -3.25 1.03
N PRO G 55 3.07 -2.38 1.33
CA PRO G 55 4.46 -2.87 1.46
C PRO G 55 4.61 -3.67 2.74
N THR G 56 5.74 -4.34 2.87
CA THR G 56 5.97 -5.23 4.03
C THR G 56 5.69 -4.55 5.38
N ASN G 57 6.14 -3.29 5.55
CA ASN G 57 5.94 -2.57 6.81
C ASN G 57 4.45 -2.54 7.21
N ALA G 58 3.61 -2.24 6.24
CA ALA G 58 2.17 -2.10 6.46
C ALA G 58 1.52 -3.47 6.73
N ILE G 59 1.93 -4.47 5.95
CA ILE G 59 1.39 -5.84 6.10
C ILE G 59 1.74 -6.34 7.48
N PHE G 60 3.01 -6.14 7.86
CA PHE G 60 3.48 -6.61 9.18
C PHE G 60 2.72 -5.96 10.35
N LYS G 61 2.51 -4.65 10.28
CA LYS G 61 1.81 -3.95 11.34
C LYS G 61 0.35 -4.41 11.43
N ALA G 62 -0.33 -4.52 10.29
CA ALA G 62 -1.72 -5.02 10.29
C ALA G 62 -1.79 -6.45 10.85
N PHE G 63 -0.88 -7.31 10.38
CA PHE G 63 -0.90 -8.69 10.83
C PHE G 63 -0.68 -8.77 12.34
N ALA G 64 0.28 -7.99 12.84
CA ALA G 64 0.55 -7.89 14.29
C ALA G 64 -0.72 -7.49 15.08
N ILE G 66 -3.85 -7.83 14.14
CA ILE G 66 -4.82 -8.93 14.03
C ILE G 66 -4.48 -10.04 15.05
N ILE G 67 -3.23 -10.48 15.07
CA ILE G 67 -2.80 -11.46 16.09
C ILE G 67 -3.05 -11.00 17.51
N ASP G 68 -2.64 -9.78 17.81
CA ASP G 68 -2.84 -9.20 19.13
C ASP G 68 -4.32 -9.19 19.53
N LYS G 69 -5.19 -8.90 18.56
CA LYS G 69 -6.64 -8.95 18.81
C LYS G 69 -7.09 -10.37 19.14
N LEU G 70 -6.56 -11.35 18.41
CA LEU G 70 -6.96 -12.75 18.56
C LEU G 70 -6.43 -13.34 19.87
N GLU G 71 -5.35 -12.74 20.38
CA GLU G 71 -4.76 -13.12 21.67
C GLU G 71 -5.61 -12.62 22.83
N GLU G 72 -6.19 -11.43 22.61
CA GLU G 72 -7.06 -10.72 23.55
C GLU G 72 -8.41 -11.44 23.71
N VAL H 3 -1.07 -18.59 25.02
CA VAL H 3 -2.11 -19.02 24.03
C VAL H 3 -1.48 -19.39 22.67
N THR H 4 -1.98 -20.45 22.08
CA THR H 4 -1.59 -20.83 20.72
C THR H 4 -2.74 -20.50 19.78
N LEU H 5 -2.39 -20.09 18.57
CA LEU H 5 -3.41 -19.71 17.59
C LEU H 5 -3.23 -20.55 16.32
N THR H 6 -4.21 -20.47 15.43
CA THR H 6 -4.05 -21.04 14.09
C THR H 6 -4.44 -19.96 13.09
N ILE H 7 -3.55 -19.68 12.13
CA ILE H 7 -3.79 -18.65 11.09
C ILE H 7 -3.77 -19.38 9.76
N ARG H 8 -4.71 -19.06 8.85
CA ARG H 8 -4.73 -19.69 7.51
C ARG H 8 -4.54 -18.61 6.44
N LEU H 9 -3.48 -18.75 5.62
CA LEU H 9 -3.25 -17.87 4.50
C LEU H 9 -3.73 -18.55 3.22
N LEU H 10 -4.27 -17.77 2.32
CA LEU H 10 -4.64 -18.26 1.00
C LEU H 10 -3.57 -17.81 0.02
N HIS H 12 -1.61 -18.33 -3.97
CA HIS H 12 -1.66 -18.87 -5.32
C HIS H 12 -0.53 -19.91 -5.50
N GLY H 13 -0.71 -20.86 -6.41
CA GLY H 13 0.28 -21.93 -6.61
C GLY H 13 1.72 -21.47 -6.90
N LYS H 14 1.87 -20.36 -7.61
CA LYS H 14 3.23 -19.90 -7.92
C LYS H 14 3.98 -19.47 -6.65
N GLU H 15 3.28 -18.73 -5.79
CA GLU H 15 3.85 -18.35 -4.51
C GLU H 15 4.10 -19.58 -3.66
N VAL H 16 3.17 -20.55 -3.67
CA VAL H 16 3.38 -21.80 -2.94
C VAL H 16 4.68 -22.49 -3.37
N GLY H 17 4.94 -22.53 -4.67
CA GLY H 17 6.15 -23.17 -5.20
C GLY H 17 7.39 -22.56 -4.56
N SER H 18 7.38 -21.22 -4.46
CA SER H 18 8.51 -20.49 -3.92
C SER H 18 8.66 -20.73 -2.42
N ILE H 19 7.51 -20.81 -1.72
CA ILE H 19 7.52 -21.02 -0.27
C ILE H 19 8.03 -22.40 0.07
N ILE H 20 7.64 -23.39 -0.75
CA ILE H 20 8.08 -24.76 -0.53
C ILE H 20 9.55 -24.88 -0.92
N GLY H 21 9.87 -24.40 -2.12
CA GLY H 21 11.24 -24.48 -2.64
C GLY H 21 11.61 -25.84 -3.20
N LYS H 22 12.74 -25.88 -3.92
CA LYS H 22 13.20 -27.14 -4.50
C LYS H 22 13.45 -28.18 -3.42
N LYS H 23 12.87 -29.36 -3.61
CA LYS H 23 12.93 -30.45 -2.62
C LYS H 23 12.32 -30.08 -1.25
N GLY H 24 11.50 -29.03 -1.19
CA GLY H 24 10.99 -28.55 0.10
C GLY H 24 12.03 -27.86 0.99
N GLU H 25 13.17 -27.46 0.42
CA GLU H 25 14.24 -26.82 1.21
C GLU H 25 13.81 -25.50 1.92
N SER H 26 13.01 -24.68 1.26
CA SER H 26 12.53 -23.43 1.84
C SER H 26 11.61 -23.64 3.06
N VAL H 27 10.57 -24.46 2.90
CA VAL H 27 9.62 -24.66 3.98
C VAL H 27 10.30 -25.43 5.13
N LYS H 28 11.25 -26.29 4.80
CA LYS H 28 12.04 -26.98 5.83
C LYS H 28 12.77 -25.97 6.74
N LYS H 29 13.41 -24.97 6.14
CA LYS H 29 14.07 -23.92 6.94
C LYS H 29 13.06 -23.10 7.75
N ARG H 31 10.17 -24.26 8.97
CA ARG H 31 9.75 -25.07 10.10
C ARG H 31 10.88 -25.05 11.14
N GLU H 32 12.12 -25.19 10.67
CA GLU H 32 13.30 -25.28 11.55
C GLU H 32 13.40 -24.04 12.43
N GLU H 33 13.27 -22.88 11.80
CA GLU H 33 13.58 -21.63 12.50
C GLU H 33 12.37 -21.10 13.30
N SER H 34 11.18 -21.17 12.69
CA SER H 34 10.02 -20.51 13.30
C SER H 34 9.49 -21.26 14.50
N GLY H 35 9.62 -22.58 14.46
CA GLY H 35 9.03 -23.42 15.51
C GLY H 35 7.52 -23.53 15.36
N ALA H 36 6.98 -23.00 14.26
CA ALA H 36 5.55 -23.12 13.97
C ALA H 36 5.28 -24.44 13.28
N ARG H 37 4.09 -24.99 13.53
CA ARG H 37 3.59 -26.06 12.66
C ARG H 37 3.07 -25.41 11.37
N ILE H 38 3.61 -25.81 10.22
CA ILE H 38 3.26 -25.24 8.94
C ILE H 38 2.68 -26.32 8.03
N ASN H 39 1.44 -26.14 7.60
CA ASN H 39 0.85 -27.09 6.63
C ASN H 39 0.47 -26.36 5.38
N ILE H 40 0.84 -26.93 4.23
CA ILE H 40 0.47 -26.37 2.94
C ILE H 40 -0.42 -27.42 2.28
N SER H 41 -1.65 -27.02 1.98
CA SER H 41 -2.66 -27.92 1.40
C SER H 41 -2.26 -28.47 0.03
N GLU H 42 -2.76 -29.68 -0.27
CA GLU H 42 -2.52 -30.35 -1.54
C GLU H 42 -3.41 -29.87 -2.68
N GLY H 43 -3.03 -30.26 -3.89
CA GLY H 43 -3.87 -30.04 -5.07
C GLY H 43 -3.47 -28.84 -5.88
N ASN H 44 -4.32 -28.50 -6.84
CA ASN H 44 -4.08 -27.45 -7.81
C ASN H 44 -5.10 -26.31 -7.74
N CYS H 45 -5.78 -26.14 -6.61
CA CYS H 45 -6.76 -25.06 -6.50
C CYS H 45 -6.07 -23.75 -6.77
N PRO H 46 -6.72 -22.83 -7.51
CA PRO H 46 -6.09 -21.54 -7.78
C PRO H 46 -5.44 -20.90 -6.53
N GLU H 47 -6.10 -21.04 -5.39
CA GLU H 47 -5.50 -20.68 -4.10
C GLU H 47 -5.45 -21.86 -3.13
N ARG H 48 -4.26 -22.17 -2.65
CA ARG H 48 -4.07 -23.20 -1.63
C ARG H 48 -3.97 -22.57 -0.23
N ILE H 49 -4.10 -23.40 0.80
CA ILE H 49 -4.18 -22.90 2.15
C ILE H 49 -2.88 -23.22 2.87
N ILE H 50 -2.25 -22.18 3.40
CA ILE H 50 -1.09 -22.37 4.28
C ILE H 50 -1.54 -22.13 5.72
N THR H 51 -1.46 -23.17 6.54
CA THR H 51 -1.83 -23.08 7.94
C THR H 51 -0.60 -22.91 8.81
N LEU H 52 -0.64 -21.89 9.65
CA LEU H 52 0.41 -21.60 10.63
C LEU H 52 -0.20 -21.75 12.00
N ALA H 53 0.44 -22.59 12.81
CA ALA H 53 -0.10 -22.90 14.14
C ALA H 53 1.02 -23.04 15.19
N GLY H 54 0.71 -22.62 16.41
CA GLY H 54 1.62 -22.71 17.56
C GLY H 54 1.60 -21.40 18.32
N PRO H 55 2.64 -21.18 19.16
CA PRO H 55 2.76 -19.93 19.91
C PRO H 55 2.75 -18.73 18.97
N THR H 56 2.26 -17.60 19.47
CA THR H 56 2.10 -16.41 18.64
C THR H 56 3.44 -15.92 18.04
N ASN H 57 4.52 -15.98 18.81
CA ASN H 57 5.80 -15.54 18.26
C ASN H 57 6.35 -16.52 17.19
N ALA H 58 5.98 -17.80 17.30
CA ALA H 58 6.29 -18.79 16.25
C ALA H 58 5.51 -18.44 14.95
N ILE H 59 4.22 -18.16 15.10
CA ILE H 59 3.40 -17.72 13.96
C ILE H 59 3.97 -16.45 13.28
N PHE H 60 4.37 -15.46 14.09
CA PHE H 60 4.95 -14.18 13.60
C PHE H 60 6.21 -14.49 12.79
N LYS H 61 7.06 -15.36 13.33
CA LYS H 61 8.30 -15.71 12.62
C LYS H 61 8.03 -16.41 11.30
N ALA H 62 7.15 -17.40 11.29
CA ALA H 62 6.79 -18.09 10.03
C ALA H 62 6.21 -17.10 9.01
N PHE H 63 5.28 -16.27 9.46
CA PHE H 63 4.71 -15.24 8.58
C PHE H 63 5.79 -14.34 7.95
N ALA H 64 6.72 -13.89 8.80
CA ALA H 64 7.82 -13.02 8.35
C ALA H 64 8.65 -13.72 7.30
N ILE H 66 7.70 -16.06 5.24
CA ILE H 66 6.89 -16.13 4.05
C ILE H 66 6.94 -14.78 3.33
N ILE H 67 6.77 -13.70 4.06
CA ILE H 67 6.79 -12.38 3.41
C ILE H 67 8.18 -12.11 2.80
N ASP H 68 9.22 -12.46 3.55
CA ASP H 68 10.62 -12.35 3.06
C ASP H 68 10.83 -13.13 1.76
N LYS H 69 10.28 -14.34 1.71
CA LYS H 69 10.33 -15.17 0.51
C LYS H 69 9.64 -14.47 -0.67
N LEU H 70 8.46 -13.89 -0.44
CA LEU H 70 7.73 -13.21 -1.52
C LEU H 70 8.45 -11.96 -2.05
N GLU H 71 9.36 -11.41 -1.25
CA GLU H 71 10.17 -10.26 -1.63
C GLU H 71 11.55 -10.65 -2.18
N GLU H 72 11.77 -11.95 -2.30
CA GLU H 72 12.93 -12.58 -2.98
C GLU H 72 13.84 -13.44 -2.11
N ASP H 73 13.26 -14.48 -1.57
CA ASP H 73 13.96 -15.63 -0.94
C ASP H 73 14.56 -15.41 0.46
#